data_9LSD
#
_entry.id   9LSD
#
_cell.length_a   85.669
_cell.length_b   85.669
_cell.length_c   63.359
_cell.angle_alpha   90.00
_cell.angle_beta   90.00
_cell.angle_gamma   120.00
#
_symmetry.space_group_name_H-M   'P 65'
#
loop_
_entity.id
_entity.type
_entity.pdbx_description
1 polymer 'Antibiotic biosynthesis monooxygenase'
2 non-polymer 2-(2-ETHOXYETHOXY)ETHANOL
3 non-polymer 'MAGNESIUM ION'
4 water water
#
_entity_poly.entity_id   1
_entity_poly.type   'polypeptide(L)'
_entity_poly.pdbx_seq_one_letter_code
;GPSGMAEISADNEFATFINLFPTKPRDQQKLVDLIVKAHEELIRHRPGYVSGNVHRSVDGYQVVDYTQWRRREDFEAMVR
DPASAPHFMPIGELTQGKQGAYDVVYTHVTEEAEGAKEGTGDE
;
_entity_poly.pdbx_strand_id   A,B
#
# COMPACT_ATOMS: atom_id res chain seq x y z
N MET A 5 4.29 14.83 -7.34
CA MET A 5 3.49 13.81 -6.66
C MET A 5 4.27 12.52 -6.43
N ALA A 6 3.87 11.75 -5.43
CA ALA A 6 4.57 10.51 -5.13
C ALA A 6 4.46 9.55 -6.31
N GLU A 7 5.59 9.00 -6.74
CA GLU A 7 5.67 8.10 -7.89
C GLU A 7 6.16 6.74 -7.45
N ILE A 8 5.58 5.69 -8.02
CA ILE A 8 6.00 4.32 -7.79
C ILE A 8 6.96 3.94 -8.91
N SER A 9 8.20 3.62 -8.56
CA SER A 9 9.25 3.33 -9.54
C SER A 9 9.80 1.94 -9.29
N ALA A 10 9.86 1.13 -10.35
CA ALA A 10 10.56 -0.15 -10.23
C ALA A 10 12.07 0.03 -10.16
N ASP A 11 12.57 1.26 -10.25
CA ASP A 11 14.00 1.47 -10.01
C ASP A 11 14.36 1.50 -8.53
N ASN A 12 13.36 1.65 -7.66
CA ASN A 12 13.55 1.67 -6.22
C ASN A 12 14.59 2.70 -5.81
N GLU A 13 14.50 3.89 -6.43
CA GLU A 13 15.35 5.01 -6.05
C GLU A 13 15.26 5.27 -4.55
N PHE A 14 14.07 5.13 -3.98
CA PHE A 14 13.79 5.38 -2.57
C PHE A 14 13.45 4.07 -1.87
N ALA A 15 13.56 4.08 -0.55
CA ALA A 15 13.01 3.01 0.26
C ALA A 15 11.50 3.18 0.39
N THR A 16 10.80 2.06 0.47
CA THR A 16 9.35 2.05 0.53
C THR A 16 8.90 1.29 1.77
N PHE A 17 8.11 1.94 2.60
CA PHE A 17 7.44 1.27 3.71
C PHE A 17 5.95 1.25 3.44
N ILE A 18 5.33 0.11 3.72
CA ILE A 18 3.89 -0.03 3.68
C ILE A 18 3.49 -0.46 5.07
N ASN A 19 3.05 0.50 5.86
CA ASN A 19 2.70 0.26 7.25
C ASN A 19 1.20 0.03 7.37
N LEU A 20 0.85 -1.09 8.00
CA LEU A 20 -0.52 -1.59 8.05
C LEU A 20 -1.05 -1.43 9.47
N PHE A 21 -2.13 -0.69 9.63
CA PHE A 21 -2.71 -0.39 10.94
C PHE A 21 -4.10 -0.97 11.00
N PRO A 22 -4.26 -2.21 11.48
CA PRO A 22 -5.60 -2.76 11.66
C PRO A 22 -6.36 -2.03 12.75
N THR A 23 -7.65 -1.84 12.51
CA THR A 23 -8.44 -1.05 13.44
C THR A 23 -9.88 -1.56 13.34
N LYS A 24 -10.83 -0.73 13.76
CA LYS A 24 -12.22 -1.10 13.61
C LYS A 24 -13.01 0.16 13.36
N PRO A 25 -14.19 0.07 12.73
CA PRO A 25 -14.87 1.28 12.28
C PRO A 25 -14.98 2.37 13.32
N ARG A 26 -15.26 2.03 14.58
CA ARG A 26 -15.46 3.13 15.52
C ARG A 26 -14.18 3.87 15.82
N ASP A 27 -13.01 3.24 15.62
CA ASP A 27 -11.72 3.87 15.89
C ASP A 27 -11.05 4.47 14.66
N GLN A 28 -11.53 4.16 13.45
CA GLN A 28 -10.68 4.37 12.27
C GLN A 28 -10.41 5.85 12.01
N GLN A 29 -11.44 6.71 12.12
N GLN A 29 -11.44 6.70 12.13
N GLN A 29 -11.45 6.69 12.10
CA GLN A 29 -11.22 8.12 11.81
CA GLN A 29 -11.27 8.12 11.83
CA GLN A 29 -11.31 8.12 11.86
C GLN A 29 -10.31 8.79 12.84
C GLN A 29 -10.33 8.78 12.84
C GLN A 29 -10.31 8.73 12.84
N LYS A 30 -10.46 8.43 14.13
CA LYS A 30 -9.51 8.91 15.13
C LYS A 30 -8.08 8.47 14.80
N LEU A 31 -7.92 7.24 14.35
CA LEU A 31 -6.58 6.75 13.99
C LEU A 31 -6.04 7.52 12.80
N VAL A 32 -6.85 7.65 11.74
CA VAL A 32 -6.46 8.44 10.58
C VAL A 32 -6.02 9.83 11.02
N ASP A 33 -6.83 10.49 11.84
CA ASP A 33 -6.51 11.86 12.27
C ASP A 33 -5.17 11.91 13.00
N LEU A 34 -4.90 10.93 13.86
CA LEU A 34 -3.63 10.92 14.57
C LEU A 34 -2.45 10.63 13.65
N ILE A 35 -2.66 9.81 12.62
CA ILE A 35 -1.56 9.51 11.68
C ILE A 35 -1.25 10.73 10.82
N VAL A 36 -2.29 11.38 10.29
CA VAL A 36 -2.08 12.58 9.47
C VAL A 36 -1.44 13.70 10.29
N LYS A 37 -1.90 13.87 11.54
CA LYS A 37 -1.30 14.90 12.40
C LYS A 37 0.19 14.63 12.61
N ALA A 38 0.55 13.36 12.89
CA ALA A 38 1.97 13.01 13.03
C ALA A 38 2.73 13.32 11.75
N HIS A 39 2.14 13.01 10.59
CA HIS A 39 2.81 13.30 9.33
C HIS A 39 3.09 14.79 9.17
N GLU A 40 2.09 15.64 9.43
CA GLU A 40 2.26 17.06 9.20
C GLU A 40 3.19 17.69 10.23
N GLU A 41 3.06 17.27 11.49
CA GLU A 41 3.81 17.87 12.59
C GLU A 41 5.16 17.23 12.81
N LEU A 42 5.39 15.99 12.36
CA LEU A 42 6.65 15.33 12.70
C LEU A 42 7.31 14.64 11.51
N ILE A 43 6.61 13.72 10.87
CA ILE A 43 7.27 12.82 9.92
C ILE A 43 7.87 13.59 8.75
N ARG A 44 7.10 14.51 8.17
CA ARG A 44 7.57 15.19 6.97
C ARG A 44 8.80 16.05 7.22
N HIS A 45 9.16 16.32 8.48
CA HIS A 45 10.33 17.13 8.77
C HIS A 45 11.55 16.30 9.10
N ARG A 46 11.43 14.97 9.09
CA ARG A 46 12.55 14.09 9.41
C ARG A 46 13.60 14.09 8.30
N PRO A 47 14.87 13.97 8.65
CA PRO A 47 15.90 13.74 7.63
C PRO A 47 15.58 12.50 6.82
N GLY A 48 15.74 12.60 5.48
CA GLY A 48 15.52 11.47 4.61
C GLY A 48 14.09 11.23 4.19
N TYR A 49 13.13 11.95 4.75
CA TYR A 49 11.73 11.80 4.35
C TYR A 49 11.53 12.17 2.89
N VAL A 50 10.81 11.33 2.15
CA VAL A 50 10.46 11.61 0.75
C VAL A 50 8.96 11.84 0.57
N SER A 51 8.12 10.90 1.00
CA SER A 51 6.68 11.12 0.87
C SER A 51 5.89 10.36 1.92
N GLY A 52 4.69 10.86 2.21
CA GLY A 52 3.74 10.15 3.04
C GLY A 52 2.40 10.10 2.34
N ASN A 53 1.73 8.94 2.41
CA ASN A 53 0.48 8.72 1.67
C ASN A 53 -0.44 7.84 2.52
N VAL A 54 -1.42 8.45 3.19
CA VAL A 54 -2.28 7.75 4.13
C VAL A 54 -3.57 7.33 3.44
N HIS A 55 -3.92 6.04 3.59
CA HIS A 55 -5.08 5.44 2.95
C HIS A 55 -6.03 4.92 4.00
N ARG A 56 -7.32 5.19 3.83
CA ARG A 56 -8.35 4.78 4.78
C ARG A 56 -9.22 3.74 4.08
N SER A 57 -9.24 2.51 4.60
CA SER A 57 -10.04 1.48 3.95
C SER A 57 -11.50 1.87 4.00
N VAL A 58 -12.22 1.60 2.90
CA VAL A 58 -13.61 2.05 2.86
C VAL A 58 -14.45 1.28 3.86
N ASP A 59 -14.05 0.07 4.23
CA ASP A 59 -14.86 -0.75 5.13
C ASP A 59 -14.64 -0.44 6.59
N GLY A 60 -13.74 0.50 6.90
CA GLY A 60 -13.49 0.93 8.25
C GLY A 60 -12.51 0.10 9.05
N TYR A 61 -11.91 -0.94 8.47
CA TYR A 61 -11.13 -1.87 9.28
C TYR A 61 -9.61 -1.72 9.13
N GLN A 62 -9.12 -0.76 8.35
CA GLN A 62 -7.68 -0.67 8.19
C GLN A 62 -7.25 0.74 7.74
N VAL A 63 -6.04 1.12 8.14
CA VAL A 63 -5.35 2.31 7.62
C VAL A 63 -3.99 1.85 7.13
N VAL A 64 -3.62 2.30 5.95
CA VAL A 64 -2.34 1.94 5.34
C VAL A 64 -1.58 3.21 5.04
N ASP A 65 -0.34 3.27 5.50
CA ASP A 65 0.55 4.39 5.21
C ASP A 65 1.63 3.89 4.27
N TYR A 66 1.63 4.41 3.06
CA TYR A 66 2.65 4.15 2.06
C TYR A 66 3.61 5.34 2.13
N THR A 67 4.80 5.10 2.67
CA THR A 67 5.73 6.21 2.86
C THR A 67 7.08 5.88 2.26
N GLN A 68 7.71 6.88 1.64
CA GLN A 68 8.97 6.73 0.91
C GLN A 68 10.09 7.51 1.61
N TRP A 69 11.29 6.95 1.58
CA TRP A 69 12.43 7.49 2.33
C TRP A 69 13.68 7.40 1.48
N ARG A 70 14.65 8.27 1.77
CA ARG A 70 15.98 8.18 1.16
C ARG A 70 16.60 6.80 1.40
N ARG A 71 16.67 6.38 2.66
CA ARG A 71 17.14 5.06 3.05
C ARG A 71 16.22 4.51 4.13
N ARG A 72 16.10 3.18 4.17
CA ARG A 72 15.38 2.52 5.25
C ARG A 72 15.83 3.04 6.61
N GLU A 73 17.12 3.29 6.76
CA GLU A 73 17.68 3.77 8.02
C GLU A 73 17.02 5.08 8.48
N ASP A 74 16.60 5.93 7.55
CA ASP A 74 16.02 7.22 7.93
C ASP A 74 14.69 7.03 8.64
N PHE A 75 13.86 6.11 8.14
CA PHE A 75 12.60 5.79 8.81
C PHE A 75 12.87 5.19 10.18
N GLU A 76 13.80 4.24 10.23
CA GLU A 76 14.09 3.54 11.49
C GLU A 76 14.59 4.51 12.55
N ALA A 77 15.41 5.47 12.13
CA ALA A 77 15.90 6.50 13.06
C ALA A 77 14.74 7.28 13.67
N MET A 78 13.73 7.62 12.86
CA MET A 78 12.58 8.33 13.40
C MET A 78 11.84 7.49 14.43
N VAL A 79 11.64 6.20 14.15
CA VAL A 79 10.94 5.33 15.08
C VAL A 79 11.70 5.22 16.41
N ARG A 80 13.03 5.18 16.35
CA ARG A 80 13.87 5.06 17.54
C ARG A 80 14.01 6.36 18.33
N ASP A 81 13.68 7.50 17.74
CA ASP A 81 13.87 8.79 18.37
C ASP A 81 12.84 9.00 19.49
N PRO A 82 13.26 9.28 20.73
CA PRO A 82 12.26 9.55 21.77
C PRO A 82 11.40 10.77 21.48
N ALA A 83 11.87 11.69 20.64
CA ALA A 83 11.07 12.84 20.25
C ALA A 83 9.82 12.45 19.46
N SER A 84 9.76 11.24 18.91
CA SER A 84 8.56 10.81 18.19
C SER A 84 7.46 10.29 19.10
N ALA A 85 7.77 10.01 20.37
CA ALA A 85 6.80 9.32 21.22
C ALA A 85 5.50 10.09 21.45
N PRO A 86 5.50 11.41 21.65
CA PRO A 86 4.21 12.09 21.80
C PRO A 86 3.29 11.91 20.60
N HIS A 87 3.84 11.82 19.40
CA HIS A 87 3.00 11.63 18.23
C HIS A 87 2.60 10.17 18.02
N PHE A 88 3.51 9.25 18.35
CA PHE A 88 3.29 7.85 18.02
C PHE A 88 2.58 7.08 19.13
N MET A 89 2.77 7.46 20.40
CA MET A 89 2.08 6.78 21.50
C MET A 89 0.56 6.76 21.37
N PRO A 90 -0.12 7.87 21.06
CA PRO A 90 -1.58 7.79 20.88
C PRO A 90 -2.00 6.86 19.76
N ILE A 91 -1.15 6.68 18.75
CA ILE A 91 -1.49 5.76 17.66
C ILE A 91 -1.44 4.32 18.17
N GLY A 92 -0.38 3.98 18.89
CA GLY A 92 -0.26 2.66 19.49
C GLY A 92 -1.39 2.33 20.44
N GLU A 93 -2.06 3.34 20.99
CA GLU A 93 -3.21 3.09 21.84
C GLU A 93 -4.40 2.55 21.06
N LEU A 94 -4.44 2.79 19.75
CA LEU A 94 -5.56 2.36 18.92
C LEU A 94 -5.25 1.13 18.11
N THR A 95 -3.98 0.88 17.81
CA THR A 95 -3.64 -0.13 16.84
C THR A 95 -2.26 -0.70 17.13
N GLN A 96 -2.10 -1.99 16.81
CA GLN A 96 -0.79 -2.62 16.78
C GLN A 96 -0.34 -2.61 15.32
N GLY A 97 0.44 -1.59 14.96
CA GLY A 97 0.86 -1.46 13.58
C GLY A 97 1.84 -2.55 13.19
N LYS A 98 1.70 -3.04 11.97
CA LYS A 98 2.66 -3.97 11.37
C LYS A 98 3.38 -3.20 10.27
N GLN A 99 4.62 -2.81 10.53
CA GLN A 99 5.38 -2.00 9.59
C GLN A 99 6.43 -2.85 8.91
N GLY A 100 6.81 -2.46 7.70
CA GLY A 100 7.86 -3.17 7.04
C GLY A 100 8.30 -2.50 5.75
N ALA A 101 9.54 -2.72 5.36
CA ALA A 101 10.07 -2.21 4.11
C ALA A 101 9.74 -3.16 2.96
N TYR A 102 9.62 -2.59 1.77
CA TYR A 102 9.22 -3.32 0.56
C TYR A 102 10.13 -2.96 -0.59
N ASP A 103 10.24 -3.88 -1.54
CA ASP A 103 10.84 -3.61 -2.85
C ASP A 103 9.72 -3.53 -3.88
N VAL A 104 9.72 -2.47 -4.68
CA VAL A 104 8.85 -2.38 -5.86
C VAL A 104 9.41 -3.31 -6.93
N VAL A 105 8.70 -4.38 -7.25
CA VAL A 105 9.19 -5.35 -8.20
C VAL A 105 8.49 -5.28 -9.55
N TYR A 106 7.31 -4.66 -9.63
CA TYR A 106 6.60 -4.47 -10.89
C TYR A 106 5.76 -3.21 -10.79
N THR A 107 5.81 -2.39 -11.85
CA THR A 107 4.92 -1.24 -11.96
C THR A 107 4.55 -1.06 -13.43
N HIS A 108 3.27 -0.75 -13.66
CA HIS A 108 2.79 -0.42 -14.99
C HIS A 108 1.68 0.60 -14.83
N VAL A 109 1.54 1.48 -15.82
CA VAL A 109 0.51 2.52 -15.81
C VAL A 109 0.04 2.77 -17.23
N THR A 110 -1.25 3.09 -17.39
CA THR A 110 -1.81 3.47 -18.68
C THR A 110 -1.28 4.84 -19.10
N GLU A 111 -1.13 5.04 -20.40
CA GLU A 111 -0.73 6.35 -20.92
C GLU A 111 -1.92 7.11 -21.48
N GLY B 4 4.86 9.52 -16.59
CA GLY B 4 5.16 8.19 -17.09
C GLY B 4 5.07 7.06 -16.06
N MET B 5 4.73 7.40 -14.81
CA MET B 5 4.72 6.43 -13.71
C MET B 5 3.41 6.55 -12.92
N ALA B 6 3.09 5.49 -12.17
CA ALA B 6 1.92 5.55 -11.31
C ALA B 6 2.14 6.60 -10.23
N GLU B 7 1.11 7.39 -9.96
CA GLU B 7 1.19 8.52 -9.03
C GLU B 7 0.12 8.40 -7.96
N ILE B 8 0.48 8.69 -6.72
CA ILE B 8 -0.46 8.68 -5.60
C ILE B 8 -0.88 10.12 -5.31
N SER B 9 -2.18 10.40 -5.39
CA SER B 9 -2.67 11.72 -5.03
C SER B 9 -4.05 11.63 -4.40
N ALA B 10 -4.29 12.51 -3.43
CA ALA B 10 -5.50 12.51 -2.61
C ALA B 10 -6.70 13.15 -3.30
N ASP B 11 -6.62 13.49 -4.58
CA ASP B 11 -7.83 13.94 -5.25
C ASP B 11 -8.83 12.81 -5.45
N ASN B 12 -8.37 11.56 -5.30
CA ASN B 12 -9.20 10.36 -5.45
C ASN B 12 -9.94 10.36 -6.77
N GLU B 13 -9.29 10.94 -7.78
CA GLU B 13 -9.72 10.77 -9.17
C GLU B 13 -9.95 9.30 -9.50
N PHE B 14 -9.13 8.42 -8.93
CA PHE B 14 -9.14 6.98 -9.17
C PHE B 14 -9.61 6.25 -7.93
N ALA B 15 -10.08 5.01 -8.14
CA ALA B 15 -10.25 4.07 -7.04
C ALA B 15 -8.94 3.33 -6.82
N THR B 16 -8.65 3.03 -5.56
CA THR B 16 -7.40 2.43 -5.16
C THR B 16 -7.69 1.15 -4.40
N PHE B 17 -7.11 0.04 -4.86
CA PHE B 17 -7.15 -1.20 -4.10
C PHE B 17 -5.76 -1.52 -3.59
N ILE B 18 -5.70 -1.98 -2.35
CA ILE B 18 -4.45 -2.43 -1.74
C ILE B 18 -4.72 -3.87 -1.33
N ASN B 19 -4.20 -4.81 -2.10
CA ASN B 19 -4.45 -6.22 -1.83
C ASN B 19 -3.25 -6.81 -1.11
N LEU B 20 -3.48 -7.35 0.08
CA LEU B 20 -2.40 -7.85 0.94
C LEU B 20 -2.39 -9.36 0.87
N PHE B 21 -1.31 -9.92 0.33
CA PHE B 21 -1.18 -11.38 0.20
C PHE B 21 -0.12 -11.87 1.19
N PRO B 22 -0.51 -12.25 2.41
CA PRO B 22 0.47 -12.78 3.35
C PRO B 22 1.04 -14.08 2.83
N THR B 23 2.32 -14.31 3.08
CA THR B 23 2.96 -15.51 2.53
C THR B 23 4.04 -15.97 3.49
N LYS B 24 4.84 -16.94 3.03
CA LYS B 24 6.01 -17.45 3.73
C LYS B 24 7.22 -17.28 2.84
N PRO B 25 8.39 -17.01 3.42
CA PRO B 25 9.58 -16.71 2.60
C PRO B 25 9.83 -17.71 1.46
N ARG B 26 9.60 -19.00 1.69
CA ARG B 26 9.88 -19.96 0.63
C ARG B 26 8.86 -19.91 -0.49
N ASP B 27 7.66 -19.37 -0.25
CA ASP B 27 6.65 -19.21 -1.30
C ASP B 27 6.66 -17.83 -1.96
N GLN B 28 7.34 -16.85 -1.38
CA GLN B 28 7.07 -15.45 -1.72
C GLN B 28 7.37 -15.13 -3.17
N GLN B 29 8.51 -15.60 -3.70
CA GLN B 29 8.86 -15.24 -5.07
C GLN B 29 7.96 -15.93 -6.07
N LYS B 30 7.57 -17.17 -5.79
CA LYS B 30 6.58 -17.83 -6.64
C LYS B 30 5.28 -17.01 -6.68
N LEU B 31 4.85 -16.51 -5.53
CA LEU B 31 3.65 -15.69 -5.48
C LEU B 31 3.82 -14.41 -6.28
N VAL B 32 4.99 -13.76 -6.16
CA VAL B 32 5.28 -12.55 -6.93
C VAL B 32 5.19 -12.84 -8.42
N ASP B 33 5.88 -13.89 -8.87
CA ASP B 33 5.87 -14.22 -10.30
C ASP B 33 4.45 -14.42 -10.81
N LEU B 34 3.60 -15.12 -10.06
CA LEU B 34 2.22 -15.33 -10.50
C LEU B 34 1.46 -14.03 -10.62
N ILE B 35 1.66 -13.12 -9.66
CA ILE B 35 0.92 -11.87 -9.67
C ILE B 35 1.37 -11.00 -10.83
N VAL B 36 2.69 -10.94 -11.08
CA VAL B 36 3.20 -10.17 -12.21
C VAL B 36 2.71 -10.76 -13.53
N LYS B 37 2.66 -12.09 -13.64
CA LYS B 37 2.09 -12.72 -14.84
C LYS B 37 0.65 -12.30 -15.05
N ALA B 38 -0.16 -12.34 -13.99
CA ALA B 38 -1.55 -11.89 -14.08
C ALA B 38 -1.62 -10.44 -14.56
N HIS B 39 -0.77 -9.58 -14.01
CA HIS B 39 -0.77 -8.19 -14.45
C HIS B 39 -0.38 -8.07 -15.91
N GLU B 40 0.66 -8.81 -16.31
CA GLU B 40 1.14 -8.69 -17.68
C GLU B 40 0.12 -9.23 -18.67
N GLU B 41 -0.58 -10.29 -18.29
CA GLU B 41 -1.40 -11.00 -19.26
C GLU B 41 -2.89 -10.72 -19.15
N LEU B 42 -3.36 -10.18 -18.03
CA LEU B 42 -4.79 -10.03 -17.85
C LEU B 42 -5.15 -8.67 -17.27
N ILE B 43 -4.54 -8.31 -16.14
CA ILE B 43 -5.06 -7.19 -15.36
C ILE B 43 -4.90 -5.88 -16.13
N ARG B 44 -3.72 -5.64 -16.70
CA ARG B 44 -3.50 -4.37 -17.38
C ARG B 44 -4.47 -4.16 -18.56
N HIS B 45 -5.16 -5.19 -19.01
CA HIS B 45 -6.00 -5.04 -20.19
C HIS B 45 -7.47 -4.88 -19.85
N ARG B 46 -7.82 -4.82 -18.56
CA ARG B 46 -9.21 -4.70 -18.14
C ARG B 46 -9.72 -3.29 -18.39
N PRO B 47 -10.99 -3.15 -18.75
CA PRO B 47 -11.57 -1.81 -18.87
C PRO B 47 -11.44 -1.05 -17.55
N GLY B 48 -11.07 0.22 -17.63
CA GLY B 48 -10.95 1.02 -16.45
C GLY B 48 -9.67 0.83 -15.64
N TYR B 49 -8.81 -0.12 -16.02
CA TYR B 49 -7.52 -0.26 -15.39
C TYR B 49 -6.73 1.05 -15.50
N VAL B 50 -6.06 1.44 -14.41
CA VAL B 50 -5.16 2.59 -14.45
C VAL B 50 -3.72 2.20 -14.13
N SER B 51 -3.49 1.49 -13.03
CA SER B 51 -2.12 1.05 -12.77
C SER B 51 -2.09 -0.20 -11.91
N GLY B 52 -0.95 -0.88 -11.96
CA GLY B 52 -0.69 -2.02 -11.10
C GLY B 52 0.75 -1.96 -10.61
N ASN B 53 0.96 -2.25 -9.31
CA ASN B 53 2.25 -2.03 -8.67
C ASN B 53 2.46 -3.08 -7.59
N VAL B 54 3.39 -4.01 -7.84
CA VAL B 54 3.57 -5.17 -6.99
C VAL B 54 4.77 -4.96 -6.07
N HIS B 55 4.57 -5.12 -4.78
CA HIS B 55 5.58 -4.87 -3.77
C HIS B 55 5.87 -6.15 -3.01
N ARG B 56 7.16 -6.44 -2.81
CA ARG B 56 7.62 -7.64 -2.13
C ARG B 56 8.25 -7.24 -0.80
N SER B 57 7.69 -7.74 0.31
CA SER B 57 8.25 -7.39 1.61
C SER B 57 9.67 -7.94 1.71
N VAL B 58 10.60 -7.11 2.21
CA VAL B 58 11.98 -7.55 2.29
C VAL B 58 12.18 -8.72 3.22
N ASP B 59 11.26 -8.93 4.18
CA ASP B 59 11.36 -10.04 5.13
C ASP B 59 10.79 -11.35 4.61
N GLY B 60 10.17 -11.36 3.43
CA GLY B 60 9.69 -12.57 2.82
C GLY B 60 8.27 -13.01 3.17
N TYR B 61 7.56 -12.29 4.03
CA TYR B 61 6.26 -12.77 4.52
C TYR B 61 5.05 -12.08 3.89
N GLN B 62 5.24 -11.12 2.99
CA GLN B 62 4.09 -10.37 2.48
C GLN B 62 4.35 -9.91 1.05
N VAL B 63 3.30 -9.97 0.22
CA VAL B 63 3.29 -9.30 -1.09
C VAL B 63 2.09 -8.36 -1.09
N VAL B 64 2.29 -7.14 -1.61
CA VAL B 64 1.23 -6.13 -1.64
C VAL B 64 1.06 -5.67 -3.09
N ASP B 65 -0.15 -5.79 -3.61
CA ASP B 65 -0.51 -5.27 -4.93
C ASP B 65 -1.30 -3.99 -4.75
N TYR B 66 -0.70 -2.88 -5.15
CA TYR B 66 -1.32 -1.56 -5.12
C TYR B 66 -1.81 -1.28 -6.54
N THR B 67 -3.12 -1.18 -6.73
CA THR B 67 -3.67 -1.06 -8.08
C THR B 67 -4.69 0.07 -8.13
N GLN B 68 -4.69 0.83 -9.25
CA GLN B 68 -5.59 1.97 -9.42
C GLN B 68 -6.53 1.71 -10.59
N TRP B 69 -7.73 2.24 -10.47
CA TRP B 69 -8.82 1.93 -11.39
C TRP B 69 -9.68 3.18 -11.50
N ARG B 70 -10.41 3.27 -12.61
CA ARG B 70 -11.29 4.42 -12.78
C ARG B 70 -12.44 4.38 -11.78
N ARG B 71 -12.99 3.19 -11.52
CA ARG B 71 -13.99 3.05 -10.48
C ARG B 71 -13.82 1.70 -9.84
N ARG B 72 -14.27 1.58 -8.58
CA ARG B 72 -14.15 0.31 -7.88
C ARG B 72 -14.80 -0.82 -8.65
N GLU B 73 -15.85 -0.51 -9.40
CA GLU B 73 -16.57 -1.54 -10.14
C GLU B 73 -15.71 -2.19 -11.20
N ASP B 74 -14.69 -1.49 -11.69
CA ASP B 74 -13.86 -2.09 -12.73
C ASP B 74 -13.02 -3.22 -12.16
N PHE B 75 -12.46 -3.04 -10.97
CA PHE B 75 -11.74 -4.13 -10.31
C PHE B 75 -12.68 -5.29 -9.98
N GLU B 76 -13.86 -4.97 -9.45
CA GLU B 76 -14.80 -6.00 -9.04
C GLU B 76 -15.28 -6.82 -10.24
N ALA B 77 -15.59 -6.15 -11.36
CA ALA B 77 -15.96 -6.88 -12.58
C ALA B 77 -14.88 -7.88 -12.97
N MET B 78 -13.61 -7.48 -12.85
CA MET B 78 -12.51 -8.38 -13.19
C MET B 78 -12.51 -9.61 -12.28
N VAL B 79 -12.73 -9.40 -10.98
CA VAL B 79 -12.71 -10.52 -10.05
C VAL B 79 -13.87 -11.47 -10.31
N ARG B 80 -15.03 -10.94 -10.72
CA ARG B 80 -16.22 -11.75 -11.02
C ARG B 80 -16.15 -12.47 -12.36
N ASP B 81 -15.25 -12.07 -13.24
CA ASP B 81 -15.16 -12.62 -14.59
C ASP B 81 -14.56 -14.02 -14.57
N PRO B 82 -15.23 -15.03 -15.10
CA PRO B 82 -14.66 -16.40 -15.07
C PRO B 82 -13.38 -16.51 -15.88
N ALA B 83 -13.14 -15.61 -16.84
CA ALA B 83 -11.89 -15.56 -17.58
C ALA B 83 -10.70 -15.29 -16.68
N SER B 84 -10.91 -14.73 -15.49
CA SER B 84 -9.82 -14.38 -14.61
C SER B 84 -9.29 -15.59 -13.86
N ALA B 85 -10.08 -16.67 -13.81
CA ALA B 85 -9.74 -17.81 -12.98
C ALA B 85 -8.43 -18.48 -13.34
N PRO B 86 -8.08 -18.71 -14.62
CA PRO B 86 -6.77 -19.32 -14.90
C PRO B 86 -5.62 -18.60 -14.24
N HIS B 87 -5.70 -17.27 -14.11
CA HIS B 87 -4.61 -16.48 -13.53
C HIS B 87 -4.70 -16.36 -12.01
N PHE B 88 -5.91 -16.26 -11.46
CA PHE B 88 -6.04 -16.02 -10.03
C PHE B 88 -6.07 -17.31 -9.23
N MET B 89 -6.48 -18.42 -9.83
CA MET B 89 -6.58 -19.70 -9.12
C MET B 89 -5.26 -20.15 -8.51
N PRO B 90 -4.14 -20.18 -9.23
CA PRO B 90 -2.88 -20.54 -8.57
C PRO B 90 -2.49 -19.57 -7.46
N ILE B 91 -2.92 -18.32 -7.53
CA ILE B 91 -2.59 -17.37 -6.48
C ILE B 91 -3.29 -17.75 -5.18
N GLY B 92 -4.58 -18.08 -5.26
CA GLY B 92 -5.30 -18.58 -4.10
C GLY B 92 -4.77 -19.90 -3.58
N GLU B 93 -4.02 -20.62 -4.41
CA GLU B 93 -3.35 -21.83 -3.93
C GLU B 93 -2.21 -21.51 -2.98
N LEU B 94 -1.64 -20.31 -3.12
CA LEU B 94 -0.48 -19.89 -2.33
C LEU B 94 -0.84 -18.98 -1.17
N THR B 95 -1.93 -18.25 -1.24
CA THR B 95 -2.21 -17.26 -0.22
C THR B 95 -3.70 -17.01 -0.12
N GLN B 96 -4.12 -16.58 1.06
CA GLN B 96 -5.50 -16.12 1.27
C GLN B 96 -5.44 -14.60 1.16
N GLY B 97 -5.58 -14.11 -0.06
CA GLY B 97 -5.44 -12.69 -0.29
C GLY B 97 -6.53 -11.88 0.39
N LYS B 98 -6.15 -10.72 0.89
CA LYS B 98 -7.05 -9.80 1.56
C LYS B 98 -7.18 -8.54 0.72
N GLN B 99 -8.28 -8.43 -0.02
CA GLN B 99 -8.48 -7.35 -0.97
C GLN B 99 -9.35 -6.24 -0.36
N GLY B 100 -9.03 -4.99 -0.69
CA GLY B 100 -9.87 -3.89 -0.25
C GLY B 100 -9.62 -2.56 -0.94
N ALA B 101 -10.70 -1.78 -1.14
CA ALA B 101 -10.62 -0.43 -1.67
C ALA B 101 -10.35 0.58 -0.56
N TYR B 102 -9.64 1.65 -0.93
CA TYR B 102 -9.17 2.67 0.00
C TYR B 102 -9.46 4.04 -0.56
N ASP B 103 -9.71 5.01 0.35
CA ASP B 103 -9.60 6.42 -0.03
C ASP B 103 -8.22 6.91 0.31
N VAL B 104 -7.63 7.70 -0.58
CA VAL B 104 -6.38 8.39 -0.29
C VAL B 104 -6.75 9.69 0.42
N VAL B 105 -6.48 9.77 1.73
CA VAL B 105 -6.93 10.90 2.50
C VAL B 105 -5.83 11.91 2.79
N TYR B 106 -4.57 11.57 2.53
CA TYR B 106 -3.46 12.50 2.75
C TYR B 106 -2.31 12.05 1.88
N THR B 107 -1.72 13.01 1.16
CA THR B 107 -0.54 12.74 0.36
C THR B 107 0.34 13.99 0.40
N HIS B 108 1.62 13.79 0.66
CA HIS B 108 2.58 14.88 0.72
C HIS B 108 3.89 14.36 0.16
N VAL B 109 4.56 15.20 -0.62
CA VAL B 109 5.88 14.89 -1.15
C VAL B 109 6.80 16.05 -0.80
N THR B 110 8.05 15.74 -0.52
CA THR B 110 9.03 16.80 -0.41
C THR B 110 9.40 17.25 -1.84
#